data_6BWV
#
_entry.id   6BWV
#
_cell.length_a   161.571
_cell.length_b   161.571
_cell.length_c   161.571
_cell.angle_alpha   90.00
_cell.angle_beta   90.00
_cell.angle_gamma   90.00
#
_symmetry.space_group_name_H-M   'I 21 3'
#
loop_
_entity.id
_entity.type
_entity.pdbx_description
1 polymer 'Tumor necrosis factor ligand superfamily member 9'
2 polymer 'Tumor necrosis factor receptor superfamily member 9'
3 non-polymer DI(HYDROXYETHYL)ETHER
4 water water
#
loop_
_entity_poly.entity_id
_entity_poly.type
_entity_poly.pdbx_seq_one_letter_code
_entity_poly.pdbx_strand_id
1 'polypeptide(L)'
;GSQGMFAQLVAQNVLLIDGPLSWYSDPGLAGVSLTGGLSYKEDTKELVVAKAGVYYVFFQLELRRVVAGEGSGSVSLALH
LQPLRSAAGAAALALTVDLPPASSEARNSAFGFQGRLLHLSAGQRLGVHLHTEARARHAWQLTQGATVLGLFRVTP
;
A,B
2 'polypeptide(L)'
;LQDPCSNCPAGTFCDNNRNQICSPCPPNSFSSAGGQRTCDICRQCKGVFRTRKECSSTSNAECDCTPGFHCLGAGCSMCE
QDCKQGQELTKKGCKDCSFGTFNDQKRGICRPWTDCSLDGKSVLVQGTKERDVVCGPGSLG
;
D,E
#
# COMPACT_ATOMS: atom_id res chain seq x y z
N GLN A 3 45.13 25.37 -31.64
CA GLN A 3 45.43 26.64 -30.92
C GLN A 3 44.21 27.20 -30.17
N GLY A 4 44.44 28.31 -29.46
CA GLY A 4 43.46 28.89 -28.55
C GLY A 4 43.74 28.43 -27.14
N MET A 5 43.08 29.07 -26.17
CA MET A 5 43.20 28.70 -24.76
C MET A 5 41.81 28.38 -24.22
N PHE A 6 41.48 27.09 -24.17
CA PHE A 6 40.20 26.63 -23.62
C PHE A 6 40.26 25.18 -23.22
N ALA A 7 39.26 24.77 -22.43
CA ALA A 7 39.09 23.38 -22.07
C ALA A 7 37.65 23.10 -21.66
N GLN A 8 37.27 21.83 -21.78
CA GLN A 8 36.00 21.32 -21.29
C GLN A 8 36.24 19.90 -20.79
N LEU A 9 35.84 19.65 -19.55
CA LEU A 9 35.97 18.33 -18.94
C LEU A 9 34.60 17.75 -18.67
N VAL A 10 34.52 16.42 -18.71
CA VAL A 10 33.29 15.66 -18.54
C VAL A 10 33.45 14.78 -17.31
N ALA A 11 32.50 14.87 -16.38
CA ALA A 11 32.58 14.15 -15.11
C ALA A 11 32.48 12.65 -15.33
N GLN A 12 33.31 11.90 -14.60
CA GLN A 12 33.24 10.44 -14.59
C GLN A 12 32.16 9.91 -13.65
N ASN A 13 31.86 10.67 -12.60
CA ASN A 13 31.01 10.19 -11.51
C ASN A 13 29.57 9.99 -11.98
N VAL A 14 28.92 8.95 -11.47
CA VAL A 14 27.47 8.74 -11.67
C VAL A 14 26.67 8.75 -10.35
N LEU A 15 27.20 8.12 -9.30
CA LEU A 15 26.51 8.08 -8.00
C LEU A 15 26.63 9.42 -7.26
N LEU A 16 25.56 9.80 -6.58
CA LEU A 16 25.54 11.00 -5.76
C LEU A 16 26.26 10.74 -4.44
N ILE A 17 27.55 11.06 -4.41
CA ILE A 17 28.40 10.84 -3.24
C ILE A 17 29.14 12.14 -2.98
N ASP A 18 29.04 12.66 -1.76
CA ASP A 18 29.68 13.92 -1.38
C ASP A 18 31.20 13.79 -1.44
N GLY A 19 31.85 14.78 -2.06
CA GLY A 19 33.29 14.73 -2.32
C GLY A 19 33.65 15.39 -3.64
N PRO A 20 34.95 15.38 -3.99
CA PRO A 20 35.40 15.97 -5.25
C PRO A 20 35.07 15.07 -6.43
N LEU A 21 34.63 15.68 -7.54
CA LEU A 21 34.38 14.92 -8.77
C LEU A 21 35.69 14.56 -9.47
N SER A 22 35.66 13.46 -10.22
CA SER A 22 36.73 13.06 -11.13
C SER A 22 36.30 13.37 -12.56
N TRP A 23 37.26 13.71 -13.41
CA TRP A 23 36.98 14.22 -14.75
C TRP A 23 37.70 13.42 -15.83
N TYR A 24 37.01 13.23 -16.96
CA TYR A 24 37.65 12.82 -18.22
C TYR A 24 38.35 14.05 -18.82
N SER A 25 39.62 13.90 -19.18
CA SER A 25 40.41 14.98 -19.82
C SER A 25 41.01 14.62 -21.18
N ASP A 26 40.78 13.39 -21.67
CA ASP A 26 41.31 12.95 -22.95
C ASP A 26 40.43 13.51 -24.09
N PRO A 27 41.01 14.36 -24.97
CA PRO A 27 40.20 14.96 -26.05
C PRO A 27 39.76 13.99 -27.15
N GLY A 28 40.24 12.74 -27.13
CA GLY A 28 39.66 11.65 -27.92
C GLY A 28 38.26 11.22 -27.50
N LEU A 29 37.83 11.63 -26.31
CA LEU A 29 36.47 11.39 -25.82
C LEU A 29 35.51 12.49 -26.26
N ALA A 30 34.27 12.10 -26.56
CA ALA A 30 33.24 13.05 -26.97
C ALA A 30 32.95 14.03 -25.83
N GLY A 31 32.85 15.31 -26.18
CA GLY A 31 32.61 16.37 -25.21
C GLY A 31 33.83 17.00 -24.57
N VAL A 32 34.98 16.35 -24.64
CA VAL A 32 36.20 16.78 -23.94
C VAL A 32 37.11 17.63 -24.85
N SER A 33 37.49 18.81 -24.37
CA SER A 33 38.47 19.67 -25.03
C SER A 33 39.59 20.02 -24.05
N LEU A 34 40.81 20.14 -24.54
CA LEU A 34 41.97 20.46 -23.70
C LEU A 34 43.13 20.96 -24.55
N THR A 35 43.27 22.29 -24.64
CA THR A 35 44.39 22.91 -25.35
C THR A 35 45.63 23.00 -24.47
N GLY A 36 46.74 23.43 -25.07
CA GLY A 36 47.98 23.68 -24.34
C GLY A 36 47.85 24.90 -23.44
N GLY A 37 48.50 24.83 -22.28
CA GLY A 37 48.32 25.80 -21.20
C GLY A 37 47.28 25.37 -20.18
N LEU A 38 46.60 24.25 -20.45
CA LEU A 38 45.60 23.69 -19.56
C LEU A 38 45.83 22.18 -19.47
N SER A 39 45.87 21.66 -18.25
CA SER A 39 46.11 20.23 -18.02
C SER A 39 45.28 19.76 -16.83
N TYR A 40 45.14 18.44 -16.70
CA TYR A 40 44.35 17.82 -15.64
C TYR A 40 45.24 16.95 -14.76
N LYS A 41 45.23 17.24 -13.46
CA LYS A 41 46.00 16.49 -12.46
C LYS A 41 45.09 15.40 -11.85
N GLU A 42 45.27 14.17 -12.33
CA GLU A 42 44.39 13.06 -11.95
C GLU A 42 44.35 12.73 -10.45
N ASP A 43 45.50 12.81 -9.78
CA ASP A 43 45.58 12.46 -8.36
C ASP A 43 44.73 13.38 -7.46
N THR A 44 44.85 14.69 -7.67
CA THR A 44 44.09 15.68 -6.90
C THR A 44 42.77 16.12 -7.58
N LYS A 45 42.53 15.64 -8.81
CA LYS A 45 41.30 15.90 -9.56
C LYS A 45 41.10 17.39 -9.88
N GLU A 46 42.18 18.05 -10.29
CA GLU A 46 42.20 19.49 -10.51
C GLU A 46 42.56 19.83 -11.94
N LEU A 47 41.91 20.85 -12.50
CA LEU A 47 42.32 21.45 -13.76
C LEU A 47 43.33 22.53 -13.41
N VAL A 48 44.50 22.46 -14.04
CA VAL A 48 45.61 23.37 -13.76
C VAL A 48 45.73 24.38 -14.90
N VAL A 49 45.66 25.66 -14.54
CA VAL A 49 45.77 26.77 -15.50
C VAL A 49 47.20 27.31 -15.48
N ALA A 50 47.92 27.15 -16.59
CA ALA A 50 49.33 27.58 -16.68
C ALA A 50 49.46 29.10 -16.83
N LYS A 51 48.79 29.64 -17.84
CA LYS A 51 48.86 31.06 -18.17
C LYS A 51 47.81 31.85 -17.37
N ALA A 52 48.24 32.90 -16.69
CA ALA A 52 47.34 33.77 -15.94
C ALA A 52 46.45 34.59 -16.87
N GLY A 53 45.29 35.01 -16.36
CA GLY A 53 44.34 35.81 -17.14
C GLY A 53 42.89 35.62 -16.75
N VAL A 54 42.01 36.30 -17.49
CA VAL A 54 40.56 36.23 -17.24
C VAL A 54 39.93 35.20 -18.17
N TYR A 55 39.20 34.26 -17.58
CA TYR A 55 38.51 33.21 -18.30
C TYR A 55 37.01 33.30 -18.00
N TYR A 56 36.20 33.00 -19.01
CA TYR A 56 34.78 32.71 -18.77
C TYR A 56 34.72 31.26 -18.36
N VAL A 57 34.39 31.02 -17.10
CA VAL A 57 34.33 29.67 -16.54
C VAL A 57 32.86 29.32 -16.26
N PHE A 58 32.45 28.13 -16.69
CA PHE A 58 31.09 27.67 -16.50
C PHE A 58 31.06 26.20 -16.11
N PHE A 59 30.01 25.82 -15.38
CA PHE A 59 29.65 24.40 -15.29
C PHE A 59 28.16 24.15 -15.36
N GLN A 60 27.83 22.90 -15.64
CA GLN A 60 26.46 22.46 -15.75
C GLN A 60 26.31 21.09 -15.14
N LEU A 61 25.11 20.82 -14.67
CA LEU A 61 24.80 19.62 -13.90
C LEU A 61 23.47 19.10 -14.41
N GLU A 62 23.50 17.91 -15.02
CA GLU A 62 22.26 17.20 -15.35
C GLU A 62 22.15 15.92 -14.51
N LEU A 63 20.94 15.71 -13.99
CA LEU A 63 20.62 14.58 -13.14
C LEU A 63 19.42 13.86 -13.72
N ARG A 64 19.37 12.54 -13.58
CA ARG A 64 18.22 11.75 -14.03
C ARG A 64 17.74 10.82 -12.93
N ARG A 65 16.42 10.64 -12.85
CA ARG A 65 15.83 9.74 -11.86
C ARG A 65 16.03 8.31 -12.36
N VAL A 66 16.75 7.51 -11.58
CA VAL A 66 17.06 6.10 -11.91
C VAL A 66 16.19 5.08 -11.17
N VAL A 67 15.48 5.50 -10.11
CA VAL A 67 14.47 4.66 -9.45
C VAL A 67 13.13 5.35 -9.50
N ALA A 68 12.14 4.68 -10.11
CA ALA A 68 10.81 5.26 -10.30
C ALA A 68 10.11 5.48 -8.96
N GLY A 69 9.44 6.62 -8.82
CA GLY A 69 8.67 6.93 -7.62
C GLY A 69 9.45 7.31 -6.38
N GLU A 70 10.76 7.54 -6.52
CA GLU A 70 11.62 7.79 -5.34
C GLU A 70 12.59 8.94 -5.58
N GLY A 71 13.11 9.48 -4.49
CA GLY A 71 14.15 10.50 -4.52
C GLY A 71 13.59 11.91 -4.43
N SER A 72 14.20 12.71 -3.56
CA SER A 72 13.84 14.12 -3.42
C SER A 72 14.97 14.88 -2.72
N GLY A 73 14.99 16.19 -2.90
CA GLY A 73 15.95 17.08 -2.23
C GLY A 73 16.69 17.93 -3.24
N SER A 74 17.98 18.17 -2.98
CA SER A 74 18.81 18.99 -3.87
C SER A 74 20.23 18.46 -3.97
N VAL A 75 20.92 18.89 -5.02
CA VAL A 75 22.32 18.54 -5.28
C VAL A 75 23.05 19.81 -5.68
N SER A 76 24.27 20.00 -5.17
CA SER A 76 25.05 21.20 -5.44
C SER A 76 26.45 20.90 -6.00
N LEU A 77 26.92 21.79 -6.88
CA LEU A 77 28.31 21.81 -7.33
C LEU A 77 28.97 23.09 -6.80
N ALA A 78 30.24 22.99 -6.44
CA ALA A 78 31.03 24.14 -6.03
C ALA A 78 32.42 24.08 -6.65
N LEU A 79 32.83 25.17 -7.31
CA LEU A 79 34.19 25.33 -7.84
C LEU A 79 35.07 25.98 -6.79
N HIS A 80 36.19 25.35 -6.46
CA HIS A 80 37.16 25.89 -5.51
C HIS A 80 38.52 26.07 -6.18
N LEU A 81 39.11 27.25 -5.99
CA LEU A 81 40.44 27.56 -6.51
C LEU A 81 41.47 27.18 -5.46
N ALA A 90 34.37 31.42 0.04
CA ALA A 90 35.19 30.32 -0.44
C ALA A 90 35.00 30.05 -1.94
N ALA A 91 33.84 29.50 -2.33
CA ALA A 91 33.65 28.96 -3.69
C ALA A 91 33.56 30.03 -4.76
N ALA A 92 34.34 29.88 -5.84
CA ALA A 92 34.35 30.83 -6.97
C ALA A 92 33.11 30.70 -7.86
N LEU A 93 32.47 29.54 -7.83
CA LEU A 93 31.31 29.25 -8.65
C LEU A 93 30.48 28.20 -7.91
N ALA A 94 29.17 28.40 -7.84
CA ALA A 94 28.28 27.50 -7.12
C ALA A 94 26.91 27.38 -7.78
N LEU A 95 26.28 26.23 -7.60
CA LEU A 95 25.06 25.89 -8.31
C LEU A 95 24.34 24.81 -7.52
N THR A 96 23.05 25.02 -7.24
CA THR A 96 22.20 24.02 -6.62
C THR A 96 21.05 23.66 -7.59
N VAL A 97 20.80 22.37 -7.78
CA VAL A 97 19.73 21.87 -8.63
C VAL A 97 18.75 21.05 -7.77
N ASP A 98 17.48 21.43 -7.81
CA ASP A 98 16.44 20.73 -7.07
C ASP A 98 16.03 19.45 -7.77
N LEU A 99 15.94 18.38 -6.98
CA LEU A 99 15.43 17.10 -7.45
C LEU A 99 13.95 17.04 -7.08
N PRO A 100 13.05 17.07 -8.09
CA PRO A 100 11.62 17.01 -7.78
C PRO A 100 11.19 15.62 -7.33
N PRO A 101 10.21 15.54 -6.40
CA PRO A 101 9.64 14.22 -6.06
C PRO A 101 8.74 13.72 -7.18
N ALA A 102 8.49 12.41 -7.20
CA ALA A 102 7.84 11.74 -8.34
C ALA A 102 6.33 12.02 -8.45
N ALA A 106 5.92 12.88 -12.58
CA ALA A 106 6.26 14.29 -12.34
C ALA A 106 7.73 14.64 -12.73
N ARG A 107 8.14 14.11 -13.88
CA ARG A 107 9.41 14.46 -14.55
C ARG A 107 10.68 13.87 -13.91
N ASN A 108 11.55 13.31 -14.76
CA ASN A 108 12.69 12.51 -14.33
C ASN A 108 14.04 13.08 -14.78
N SER A 109 14.15 14.41 -14.77
CA SER A 109 15.39 15.10 -15.09
C SER A 109 15.48 16.43 -14.33
N ALA A 110 16.71 16.92 -14.20
CA ALA A 110 16.96 18.22 -13.59
C ALA A 110 18.27 18.79 -14.16
N PHE A 111 18.24 20.07 -14.52
CA PHE A 111 19.36 20.74 -15.18
C PHE A 111 19.75 21.99 -14.37
N GLY A 112 21.03 22.34 -14.43
CA GLY A 112 21.51 23.60 -13.91
C GLY A 112 22.64 24.12 -14.77
N PHE A 113 22.78 25.44 -14.82
CA PHE A 113 23.90 26.07 -15.51
C PHE A 113 24.31 27.33 -14.76
N GLN A 114 25.63 27.53 -14.65
CA GLN A 114 26.20 28.76 -14.10
C GLN A 114 27.49 29.10 -14.85
N GLY A 115 27.72 30.38 -15.09
CA GLY A 115 28.92 30.87 -15.76
C GLY A 115 29.34 32.23 -15.20
N ARG A 116 30.62 32.56 -15.35
CA ARG A 116 31.21 33.76 -14.76
C ARG A 116 32.57 34.08 -15.37
N LEU A 117 32.91 35.36 -15.42
CA LEU A 117 34.28 35.79 -15.66
C LEU A 117 35.08 35.66 -14.36
N LEU A 118 36.17 34.88 -14.40
CA LEU A 118 37.08 34.70 -13.26
C LEU A 118 38.50 35.05 -13.67
N HIS A 119 39.20 35.81 -12.82
CA HIS A 119 40.64 35.98 -12.97
C HIS A 119 41.33 34.76 -12.34
N LEU A 120 42.17 34.09 -13.13
CA LEU A 120 42.92 32.92 -12.67
C LEU A 120 44.41 33.22 -12.73
N SER A 121 45.12 32.91 -11.64
CA SER A 121 46.56 33.10 -11.57
C SER A 121 47.30 32.01 -12.33
N ALA A 122 48.58 32.24 -12.58
CA ALA A 122 49.44 31.24 -13.18
C ALA A 122 49.56 30.06 -12.21
N GLY A 123 49.37 28.85 -12.71
CA GLY A 123 49.34 27.65 -11.88
C GLY A 123 48.07 27.42 -11.06
N GLN A 124 47.03 28.23 -11.28
CA GLN A 124 45.77 28.09 -10.52
C GLN A 124 45.17 26.71 -10.74
N ARG A 125 44.78 26.07 -9.64
CA ARG A 125 44.22 24.73 -9.67
C ARG A 125 42.74 24.80 -9.33
N LEU A 126 41.88 24.31 -10.23
CA LEU A 126 40.44 24.34 -10.03
C LEU A 126 39.92 22.94 -9.70
N GLY A 127 39.26 22.80 -8.55
CA GLY A 127 38.60 21.55 -8.15
C GLY A 127 37.10 21.76 -7.99
N VAL A 128 36.34 20.68 -8.22
CA VAL A 128 34.87 20.74 -8.19
C VAL A 128 34.35 19.72 -7.19
N HIS A 129 33.55 20.19 -6.22
CA HIS A 129 32.98 19.33 -5.18
C HIS A 129 31.48 19.20 -5.32
N LEU A 130 31.01 17.96 -5.21
CA LEU A 130 29.59 17.62 -5.22
C LEU A 130 29.11 17.50 -3.78
N HIS A 131 27.95 18.07 -3.49
CA HIS A 131 27.29 17.90 -2.19
C HIS A 131 25.82 17.59 -2.41
N THR A 132 25.27 16.72 -1.58
CA THR A 132 23.92 16.17 -1.74
C THR A 132 23.14 16.32 -0.44
N GLU A 133 22.01 17.03 -0.51
CA GLU A 133 21.04 17.13 0.58
C GLU A 133 19.76 16.48 0.08
N ALA A 134 19.72 15.15 0.15
CA ALA A 134 18.64 14.39 -0.49
C ALA A 134 18.22 13.16 0.29
N ARG A 135 16.93 12.87 0.21
CA ARG A 135 16.36 11.60 0.68
C ARG A 135 16.35 10.64 -0.50
N ALA A 136 16.74 9.39 -0.24
CA ALA A 136 16.84 8.35 -1.27
C ALA A 136 17.78 8.73 -2.42
N ARG A 137 19.00 9.14 -2.06
CA ARG A 137 20.10 9.43 -3.01
C ARG A 137 20.13 8.50 -4.22
N HIS A 138 20.07 7.20 -3.92
CA HIS A 138 20.10 6.13 -4.93
C HIS A 138 19.13 6.32 -6.10
N ALA A 139 18.02 7.01 -5.85
CA ALA A 139 17.00 7.26 -6.87
C ALA A 139 17.42 8.24 -7.96
N TRP A 140 18.48 9.00 -7.74
CA TRP A 140 19.01 9.95 -8.74
C TRP A 140 20.50 9.71 -8.99
N GLN A 141 20.91 9.89 -10.24
CA GLN A 141 22.31 9.80 -10.65
C GLN A 141 22.66 10.96 -11.57
N LEU A 142 23.95 11.24 -11.70
CA LEU A 142 24.44 12.20 -12.67
C LEU A 142 24.25 11.62 -14.08
N THR A 143 23.65 12.40 -14.97
CA THR A 143 23.49 11.98 -16.36
C THR A 143 24.88 11.97 -17.02
N GLN A 144 25.28 10.79 -17.49
CA GLN A 144 26.62 10.58 -18.00
C GLN A 144 26.84 11.36 -19.28
N GLY A 145 27.90 12.16 -19.29
CA GLY A 145 28.23 13.03 -20.42
C GLY A 145 27.71 14.45 -20.27
N ALA A 146 26.86 14.71 -19.27
CA ALA A 146 26.13 15.97 -19.16
C ALA A 146 26.54 16.86 -17.97
N THR A 147 27.46 16.37 -17.12
CA THR A 147 28.04 17.18 -16.06
C THR A 147 29.43 17.62 -16.55
N VAL A 148 29.59 18.93 -16.70
CA VAL A 148 30.70 19.50 -17.45
C VAL A 148 31.29 20.71 -16.74
N LEU A 149 32.62 20.82 -16.75
CA LEU A 149 33.32 22.04 -16.35
C LEU A 149 34.04 22.54 -17.58
N GLY A 150 33.77 23.80 -17.94
CA GLY A 150 34.35 24.40 -19.14
C GLY A 150 34.87 25.81 -18.90
N LEU A 151 35.89 26.18 -19.67
CA LEU A 151 36.40 27.55 -19.66
C LEU A 151 37.13 27.90 -20.96
N PHE A 152 37.15 29.20 -21.25
CA PHE A 152 37.94 29.73 -22.36
C PHE A 152 38.44 31.13 -22.02
N ARG A 153 39.62 31.45 -22.53
CA ARG A 153 40.32 32.69 -22.21
C ARG A 153 39.68 33.88 -22.93
N VAL A 154 39.45 34.96 -22.18
CA VAL A 154 38.91 36.20 -22.74
C VAL A 154 40.02 37.25 -22.96
N THR A 155 41.01 37.29 -22.07
CA THR A 155 42.15 38.23 -22.20
C THR A 155 43.07 37.81 -23.36
N PRO A 156 43.53 38.77 -24.18
CA PRO A 156 44.60 38.46 -25.15
C PRO A 156 45.95 38.24 -24.49
N GLN B 3 -48.69 -12.98 33.64
CA GLN B 3 -49.77 -12.10 33.12
C GLN B 3 -49.24 -10.78 32.56
N GLY B 4 -50.18 -9.98 32.02
CA GLY B 4 -49.86 -8.76 31.28
C GLY B 4 -49.86 -9.06 29.79
N MET B 5 -49.80 -8.00 29.00
CA MET B 5 -49.80 -8.09 27.54
C MET B 5 -48.56 -7.38 27.00
N PHE B 6 -47.53 -8.17 26.70
CA PHE B 6 -46.29 -7.64 26.15
C PHE B 6 -45.48 -8.72 25.45
N ALA B 7 -44.51 -8.27 24.64
CA ALA B 7 -43.57 -9.17 23.99
C ALA B 7 -42.29 -8.43 23.60
N GLN B 8 -41.20 -9.19 23.48
CA GLN B 8 -39.93 -8.71 22.98
C GLN B 8 -39.28 -9.84 22.19
N LEU B 9 -38.92 -9.55 20.93
CA LEU B 9 -38.29 -10.53 20.07
C LEU B 9 -36.86 -10.08 19.73
N VAL B 10 -36.00 -11.07 19.48
CA VAL B 10 -34.59 -10.85 19.21
C VAL B 10 -34.31 -11.40 17.81
N ALA B 11 -33.70 -10.57 16.95
CA ALA B 11 -33.48 -10.93 15.57
C ALA B 11 -32.46 -12.06 15.45
N GLN B 12 -32.75 -13.01 14.56
CA GLN B 12 -31.83 -14.10 14.23
C GLN B 12 -30.74 -13.68 13.24
N ASN B 13 -31.07 -12.71 12.38
CA ASN B 13 -30.22 -12.35 11.24
C ASN B 13 -28.92 -11.73 11.71
N VAL B 14 -27.83 -12.04 11.00
CA VAL B 14 -26.53 -11.38 11.21
C VAL B 14 -26.02 -10.65 9.97
N LEU B 15 -26.17 -11.26 8.79
CA LEU B 15 -25.75 -10.63 7.53
C LEU B 15 -26.72 -9.53 7.10
N LEU B 16 -26.17 -8.46 6.53
CA LEU B 16 -26.95 -7.38 5.97
C LEU B 16 -27.51 -7.81 4.61
N ILE B 17 -28.74 -8.33 4.62
CA ILE B 17 -29.42 -8.80 3.41
C ILE B 17 -30.81 -8.17 3.40
N ASP B 18 -31.15 -7.50 2.31
CA ASP B 18 -32.44 -6.83 2.18
C ASP B 18 -33.58 -7.85 2.19
N GLY B 19 -34.62 -7.57 2.96
CA GLY B 19 -35.73 -8.48 3.16
C GLY B 19 -36.27 -8.43 4.58
N PRO B 20 -37.26 -9.28 4.89
CA PRO B 20 -37.83 -9.35 6.23
C PRO B 20 -36.89 -10.06 7.21
N LEU B 21 -36.78 -9.55 8.43
CA LEU B 21 -35.99 -10.22 9.47
C LEU B 21 -36.75 -11.43 10.03
N SER B 22 -35.98 -12.41 10.51
CA SER B 22 -36.50 -13.54 11.29
C SER B 22 -36.20 -13.31 12.77
N TRP B 23 -37.07 -13.80 13.64
CA TRP B 23 -37.02 -13.49 15.07
C TRP B 23 -37.01 -14.75 15.94
N TYR B 24 -36.23 -14.69 17.02
CA TYR B 24 -36.36 -15.64 18.13
C TYR B 24 -37.59 -15.25 18.96
N SER B 25 -38.47 -16.22 19.23
CA SER B 25 -39.70 -15.98 20.02
C SER B 25 -39.86 -16.88 21.25
N ASP B 26 -38.91 -17.78 21.50
CA ASP B 26 -38.98 -18.69 22.63
C ASP B 26 -38.53 -17.95 23.91
N PRO B 27 -39.43 -17.81 24.91
CA PRO B 27 -39.05 -17.07 26.12
C PRO B 27 -38.03 -17.77 27.04
N GLY B 28 -37.68 -19.02 26.74
CA GLY B 28 -36.49 -19.68 27.33
C GLY B 28 -35.15 -19.08 26.90
N LEU B 29 -35.15 -18.27 25.83
CA LEU B 29 -33.96 -17.54 25.37
C LEU B 29 -33.83 -16.19 26.09
N ALA B 30 -32.58 -15.80 26.38
CA ALA B 30 -32.31 -14.52 27.02
C ALA B 30 -32.76 -13.38 26.12
N GLY B 31 -33.42 -12.39 26.71
CA GLY B 31 -33.92 -11.22 25.98
C GLY B 31 -35.33 -11.35 25.38
N VAL B 32 -35.85 -12.58 25.29
CA VAL B 32 -37.13 -12.84 24.63
C VAL B 32 -38.28 -12.91 25.64
N SER B 33 -39.34 -12.13 25.39
CA SER B 33 -40.59 -12.20 26.15
C SER B 33 -41.76 -12.43 25.20
N LEU B 34 -42.75 -13.18 25.65
CA LEU B 34 -43.95 -13.47 24.84
C LEU B 34 -45.09 -13.96 25.72
N THR B 35 -46.00 -13.05 26.09
CA THR B 35 -47.19 -13.39 26.87
C THR B 35 -48.32 -13.90 25.97
N GLY B 36 -49.41 -14.36 26.59
CA GLY B 36 -50.61 -14.77 25.88
C GLY B 36 -51.32 -13.58 25.26
N GLY B 37 -51.90 -13.80 24.08
CA GLY B 37 -52.44 -12.73 23.24
C GLY B 37 -51.44 -12.24 22.18
N LEU B 38 -50.21 -12.74 22.25
CA LEU B 38 -49.15 -12.40 21.32
C LEU B 38 -48.44 -13.69 20.92
N SER B 39 -48.27 -13.88 19.61
CA SER B 39 -47.62 -15.07 19.06
C SER B 39 -46.76 -14.68 17.86
N TYR B 40 -45.85 -15.58 17.49
CA TYR B 40 -44.95 -15.38 16.36
C TYR B 40 -45.21 -16.42 15.28
N LYS B 41 -45.47 -15.94 14.07
CA LYS B 41 -45.74 -16.79 12.90
C LYS B 41 -44.43 -16.97 12.13
N GLU B 42 -43.78 -18.12 12.32
CA GLU B 42 -42.44 -18.37 11.76
C GLU B 42 -42.36 -18.31 10.23
N ASP B 43 -43.39 -18.81 9.54
CA ASP B 43 -43.36 -18.86 8.07
C ASP B 43 -43.32 -17.46 7.42
N THR B 44 -44.18 -16.56 7.90
CA THR B 44 -44.23 -15.17 7.39
C THR B 44 -43.41 -14.18 8.22
N LYS B 45 -42.82 -14.64 9.33
CA LYS B 45 -41.92 -13.84 10.17
C LYS B 45 -42.63 -12.64 10.79
N GLU B 46 -43.85 -12.86 11.28
CA GLU B 46 -44.70 -11.79 11.79
C GLU B 46 -45.06 -12.03 13.26
N LEU B 47 -45.12 -10.95 14.03
CA LEU B 47 -45.70 -10.98 15.36
C LEU B 47 -47.18 -10.70 15.20
N VAL B 48 -48.01 -11.58 15.74
CA VAL B 48 -49.46 -11.50 15.58
C VAL B 48 -50.07 -11.02 16.89
N VAL B 49 -50.83 -9.92 16.83
CA VAL B 49 -51.48 -9.33 17.99
C VAL B 49 -52.95 -9.76 18.00
N ALA B 50 -53.34 -10.53 19.03
CA ALA B 50 -54.70 -11.07 19.13
C ALA B 50 -55.69 -10.02 19.57
N LYS B 51 -55.41 -9.39 20.72
CA LYS B 51 -56.30 -8.40 21.32
C LYS B 51 -56.00 -7.01 20.76
N ALA B 52 -57.04 -6.31 20.30
CA ALA B 52 -56.90 -4.95 19.78
C ALA B 52 -56.60 -3.96 20.91
N GLY B 53 -55.98 -2.84 20.56
CA GLY B 53 -55.63 -1.80 21.54
C GLY B 53 -54.41 -0.98 21.18
N VAL B 54 -54.07 -0.05 22.06
CA VAL B 54 -52.89 0.81 21.90
C VAL B 54 -51.69 0.22 22.64
N TYR B 55 -50.59 0.04 21.90
CA TYR B 55 -49.35 -0.48 22.42
C TYR B 55 -48.25 0.54 22.23
N TYR B 56 -47.32 0.60 23.19
CA TYR B 56 -46.05 1.28 22.97
C TYR B 56 -45.16 0.29 22.28
N VAL B 57 -44.85 0.55 21.01
CA VAL B 57 -44.04 -0.34 20.19
C VAL B 57 -42.70 0.33 19.92
N PHE B 58 -41.62 -0.42 20.10
CA PHE B 58 -40.26 0.09 19.87
C PHE B 58 -39.40 -0.93 19.17
N PHE B 59 -38.41 -0.45 18.42
CA PHE B 59 -37.29 -1.30 18.02
C PHE B 59 -35.95 -0.60 18.09
N GLN B 60 -34.90 -1.42 18.08
CA GLN B 60 -33.54 -0.92 18.08
C GLN B 60 -32.68 -1.78 17.17
N LEU B 61 -31.62 -1.16 16.67
CA LEU B 61 -30.75 -1.75 15.68
C LEU B 61 -29.32 -1.43 16.10
N GLU B 62 -28.55 -2.46 16.43
CA GLU B 62 -27.11 -2.29 16.62
C GLU B 62 -26.34 -3.05 15.55
N LEU B 63 -25.30 -2.40 15.04
CA LEU B 63 -24.45 -2.92 13.99
C LEU B 63 -23.01 -2.85 14.45
N ARG B 64 -22.18 -3.81 14.06
CA ARG B 64 -20.76 -3.79 14.38
C ARG B 64 -19.92 -4.04 13.13
N ARG B 65 -18.77 -3.36 13.05
CA ARG B 65 -17.86 -3.54 11.93
C ARG B 65 -17.11 -4.86 12.14
N VAL B 66 -17.28 -5.77 11.19
CA VAL B 66 -16.64 -7.10 11.24
C VAL B 66 -15.40 -7.24 10.33
N VAL B 67 -15.20 -6.30 9.39
CA VAL B 67 -13.95 -6.23 8.62
C VAL B 67 -13.31 -4.87 8.84
N ALA B 68 -12.07 -4.89 9.33
CA ALA B 68 -11.34 -3.65 9.67
C ALA B 68 -11.05 -2.84 8.41
N GLY B 69 -11.22 -1.52 8.51
CA GLY B 69 -10.91 -0.60 7.42
C GLY B 69 -11.87 -0.58 6.25
N GLU B 70 -13.04 -1.22 6.38
CA GLU B 70 -13.99 -1.35 5.27
C GLU B 70 -15.42 -1.10 5.71
N GLY B 71 -16.28 -0.82 4.72
CA GLY B 71 -17.70 -0.65 4.94
C GLY B 71 -18.11 0.79 5.13
N SER B 72 -19.16 1.20 4.43
CA SER B 72 -19.74 2.53 4.58
C SER B 72 -21.16 2.56 4.02
N GLY B 73 -21.94 3.55 4.45
CA GLY B 73 -23.30 3.77 3.97
C GLY B 73 -24.30 3.82 5.11
N SER B 74 -25.50 3.30 4.87
CA SER B 74 -26.55 3.27 5.89
C SER B 74 -27.36 1.97 5.85
N VAL B 75 -28.05 1.71 6.95
CA VAL B 75 -28.93 0.56 7.09
C VAL B 75 -30.22 1.04 7.74
N SER B 76 -31.35 0.54 7.25
CA SER B 76 -32.67 0.95 7.77
C SER B 76 -33.52 -0.25 8.22
N LEU B 77 -34.33 -0.01 9.26
CA LEU B 77 -35.41 -0.91 9.67
C LEU B 77 -36.74 -0.23 9.41
N ALA B 78 -37.74 -1.00 9.00
CA ALA B 78 -39.10 -0.50 8.84
C ALA B 78 -40.09 -1.52 9.39
N LEU B 79 -41.00 -1.06 10.26
CA LEU B 79 -42.12 -1.87 10.77
C LEU B 79 -43.32 -1.68 9.85
N HIS B 80 -43.85 -2.79 9.35
CA HIS B 80 -45.04 -2.78 8.48
C HIS B 80 -46.15 -3.59 9.13
N LEU B 81 -47.35 -3.01 9.17
CA LEU B 81 -48.54 -3.67 9.68
C LEU B 81 -49.22 -4.35 8.48
N GLN B 82 -49.27 -5.69 8.49
CA GLN B 82 -49.72 -6.48 7.34
C GLN B 82 -50.96 -7.29 7.69
N ALA B 90 -46.27 2.28 3.57
CA ALA B 90 -46.65 3.13 4.69
C ALA B 90 -46.21 2.53 6.04
N ALA B 91 -44.91 2.66 6.33
CA ALA B 91 -44.29 2.08 7.54
C ALA B 91 -44.76 2.75 8.83
N ALA B 92 -45.16 1.94 9.81
CA ALA B 92 -45.62 2.44 11.11
C ALA B 92 -44.48 2.90 12.02
N LEU B 93 -43.28 2.41 11.75
CA LEU B 93 -42.09 2.74 12.53
C LEU B 93 -40.89 2.57 11.60
N ALA B 94 -39.98 3.54 11.62
CA ALA B 94 -38.83 3.53 10.69
C ALA B 94 -37.60 4.18 11.31
N LEU B 95 -36.43 3.71 10.90
CA LEU B 95 -35.18 4.03 11.58
C LEU B 95 -34.02 3.77 10.63
N THR B 96 -33.15 4.77 10.44
CA THR B 96 -31.97 4.64 9.60
C THR B 96 -30.73 4.90 10.45
N VAL B 97 -29.75 4.01 10.37
CA VAL B 97 -28.50 4.11 11.12
C VAL B 97 -27.34 4.21 10.14
N ASP B 98 -26.55 5.27 10.28
CA ASP B 98 -25.40 5.50 9.39
C ASP B 98 -24.23 4.64 9.84
N LEU B 99 -23.61 3.98 8.87
CA LEU B 99 -22.39 3.21 9.09
C LEU B 99 -21.20 4.12 8.75
N PRO B 100 -20.40 4.51 9.77
CA PRO B 100 -19.27 5.38 9.50
C PRO B 100 -18.13 4.64 8.79
N PRO B 101 -17.39 5.33 7.89
CA PRO B 101 -16.20 4.71 7.31
C PRO B 101 -15.06 4.68 8.32
N ALA B 102 -14.03 3.88 8.04
CA ALA B 102 -12.84 3.84 8.90
C ALA B 102 -12.06 5.12 8.84
N ARG B 107 -14.09 4.05 14.97
CA ARG B 107 -15.27 3.55 15.68
C ARG B 107 -16.03 2.44 14.90
N ASN B 108 -16.31 1.35 15.60
CA ASN B 108 -16.77 0.10 14.98
C ASN B 108 -18.14 -0.36 15.50
N SER B 109 -19.03 0.61 15.75
CA SER B 109 -20.41 0.33 16.16
C SER B 109 -21.35 1.43 15.70
N ALA B 110 -22.64 1.09 15.63
CA ALA B 110 -23.67 2.05 15.31
C ALA B 110 -25.00 1.58 15.91
N PHE B 111 -25.71 2.51 16.57
CA PHE B 111 -26.96 2.21 17.27
C PHE B 111 -28.10 3.09 16.76
N GLY B 112 -29.32 2.57 16.85
CA GLY B 112 -30.54 3.33 16.61
C GLY B 112 -31.62 2.86 17.58
N PHE B 113 -32.52 3.78 17.96
CA PHE B 113 -33.69 3.44 18.75
C PHE B 113 -34.87 4.30 18.33
N GLN B 114 -36.05 3.68 18.22
CA GLN B 114 -37.29 4.40 18.00
C GLN B 114 -38.43 3.70 18.75
N GLY B 115 -39.33 4.51 19.31
CA GLY B 115 -40.54 4.01 19.97
C GLY B 115 -41.74 4.91 19.70
N ARG B 116 -42.93 4.36 19.83
CA ARG B 116 -44.18 5.05 19.46
C ARG B 116 -45.40 4.35 20.02
N LEU B 117 -46.44 5.13 20.32
CA LEU B 117 -47.75 4.57 20.60
C LEU B 117 -48.43 4.25 19.26
N LEU B 118 -48.83 2.98 19.10
CA LEU B 118 -49.54 2.52 17.89
C LEU B 118 -50.84 1.84 18.28
N HIS B 119 -51.93 2.17 17.58
CA HIS B 119 -53.17 1.40 17.68
C HIS B 119 -53.04 0.17 16.79
N LEU B 120 -53.23 -1.00 17.36
CA LEU B 120 -53.17 -2.27 16.64
C LEU B 120 -54.54 -2.96 16.68
N SER B 121 -55.01 -3.41 15.51
CA SER B 121 -56.27 -4.14 15.41
C SER B 121 -56.12 -5.57 15.89
N ALA B 122 -57.26 -6.22 16.11
CA ALA B 122 -57.29 -7.64 16.44
C ALA B 122 -56.76 -8.43 15.25
N GLY B 123 -55.82 -9.34 15.51
CA GLY B 123 -55.14 -10.08 14.45
C GLY B 123 -54.08 -9.32 13.67
N GLN B 124 -53.72 -8.11 14.10
CA GLN B 124 -52.71 -7.31 13.41
C GLN B 124 -51.37 -8.05 13.35
N ARG B 125 -50.78 -8.09 12.17
CA ARG B 125 -49.52 -8.79 11.95
C ARG B 125 -48.43 -7.75 11.72
N LEU B 126 -47.37 -7.81 12.54
CA LEU B 126 -46.25 -6.87 12.43
C LEU B 126 -45.04 -7.57 11.84
N GLY B 127 -44.55 -7.04 10.73
CA GLY B 127 -43.32 -7.52 10.08
C GLY B 127 -42.27 -6.41 10.05
N VAL B 128 -41.00 -6.82 10.07
CA VAL B 128 -39.88 -5.88 10.12
C VAL B 128 -38.94 -6.16 8.96
N HIS B 129 -38.71 -5.13 8.14
CA HIS B 129 -37.89 -5.26 6.93
C HIS B 129 -36.59 -4.47 7.06
N LEU B 130 -35.50 -5.12 6.70
CA LEU B 130 -34.16 -4.54 6.69
C LEU B 130 -33.86 -4.09 5.26
N HIS B 131 -33.30 -2.89 5.13
CA HIS B 131 -32.82 -2.40 3.84
C HIS B 131 -31.44 -1.78 4.02
N THR B 132 -30.56 -2.01 3.04
CA THR B 132 -29.15 -1.65 3.14
C THR B 132 -28.74 -0.85 1.91
N GLU B 133 -28.26 0.37 2.13
CA GLU B 133 -27.67 1.22 1.11
C GLU B 133 -26.20 1.39 1.49
N ALA B 134 -25.38 0.40 1.16
CA ALA B 134 -24.00 0.34 1.66
C ALA B 134 -23.01 -0.23 0.66
N ARG B 135 -21.80 0.32 0.70
CA ARG B 135 -20.66 -0.25 0.01
C ARG B 135 -19.94 -1.20 0.97
N ALA B 136 -19.52 -2.35 0.45
CA ALA B 136 -18.87 -3.41 1.24
C ALA B 136 -19.72 -3.89 2.42
N ARG B 137 -20.98 -4.25 2.11
CA ARG B 137 -21.93 -4.86 3.08
C ARG B 137 -21.27 -5.80 4.07
N HIS B 138 -20.48 -6.72 3.53
CA HIS B 138 -19.75 -7.74 4.30
C HIS B 138 -18.99 -7.20 5.51
N ALA B 139 -18.53 -5.96 5.43
CA ALA B 139 -17.78 -5.32 6.52
C ALA B 139 -18.60 -4.99 7.76
N TRP B 140 -19.93 -5.01 7.67
CA TRP B 140 -20.82 -4.76 8.81
C TRP B 140 -21.84 -5.87 8.97
N GLN B 141 -22.16 -6.20 10.22
CA GLN B 141 -23.16 -7.20 10.56
C GLN B 141 -24.04 -6.69 11.69
N LEU B 142 -25.22 -7.29 11.83
CA LEU B 142 -26.08 -7.02 12.99
C LEU B 142 -25.44 -7.59 14.24
N THR B 143 -25.35 -6.77 15.29
CA THR B 143 -24.83 -7.22 16.57
C THR B 143 -25.84 -8.21 17.18
N GLN B 144 -25.39 -9.44 17.40
CA GLN B 144 -26.27 -10.54 17.81
C GLN B 144 -26.79 -10.30 19.21
N GLY B 145 -28.11 -10.33 19.35
CA GLY B 145 -28.79 -10.06 20.60
C GLY B 145 -29.22 -8.63 20.80
N ALA B 146 -28.81 -7.73 19.90
CA ALA B 146 -29.02 -6.29 20.05
C ALA B 146 -30.01 -5.67 19.06
N THR B 147 -30.53 -6.45 18.12
CA THR B 147 -31.61 -6.01 17.24
C THR B 147 -32.91 -6.60 17.78
N VAL B 148 -33.82 -5.73 18.21
CA VAL B 148 -34.94 -6.12 19.06
C VAL B 148 -36.22 -5.41 18.61
N LEU B 149 -37.33 -6.14 18.59
CA LEU B 149 -38.66 -5.57 18.44
C LEU B 149 -39.41 -5.84 19.73
N GLY B 150 -39.94 -4.79 20.36
CA GLY B 150 -40.68 -4.92 21.60
C GLY B 150 -41.96 -4.12 21.63
N LEU B 151 -42.92 -4.59 22.42
CA LEU B 151 -44.15 -3.83 22.67
C LEU B 151 -44.83 -4.26 23.97
N PHE B 152 -45.60 -3.34 24.54
CA PHE B 152 -46.45 -3.62 25.69
C PHE B 152 -47.72 -2.78 25.63
N ARG B 153 -48.81 -3.35 26.14
CA ARG B 153 -50.15 -2.75 26.04
C ARG B 153 -50.30 -1.59 27.02
N VAL B 154 -50.83 -0.47 26.53
CA VAL B 154 -51.09 0.71 27.35
C VAL B 154 -52.58 0.81 27.72
N THR B 155 -53.47 0.43 26.81
CA THR B 155 -54.92 0.47 27.06
C THR B 155 -55.34 -0.64 28.03
N PRO B 156 -56.23 -0.32 29.00
CA PRO B 156 -56.84 -1.38 29.83
C PRO B 156 -57.82 -2.24 29.05
N ASP C 3 37.00 12.94 -44.58
CA ASP C 3 37.10 12.00 -45.74
C ASP C 3 38.23 10.96 -45.56
N PRO C 4 39.44 11.40 -45.16
CA PRO C 4 40.45 10.45 -44.65
C PRO C 4 39.98 9.67 -43.42
N CYS C 5 39.22 10.35 -42.55
CA CYS C 5 38.61 9.74 -41.36
C CYS C 5 37.72 8.53 -41.66
N SER C 6 37.07 8.51 -42.83
CA SER C 6 36.28 7.35 -43.29
C SER C 6 37.02 6.00 -43.21
N ASN C 7 38.33 6.02 -43.38
CA ASN C 7 39.18 4.83 -43.26
C ASN C 7 39.35 4.29 -41.83
N CYS C 8 39.09 5.12 -40.81
CA CYS C 8 39.21 4.70 -39.42
C CYS C 8 38.05 3.78 -39.04
N PRO C 9 38.35 2.51 -38.66
CA PRO C 9 37.28 1.55 -38.37
C PRO C 9 36.69 1.71 -36.96
N ALA C 10 35.64 0.95 -36.69
CA ALA C 10 35.06 0.84 -35.36
C ALA C 10 36.13 0.39 -34.38
N GLY C 11 36.13 0.97 -33.18
CA GLY C 11 37.19 0.74 -32.19
C GLY C 11 38.30 1.77 -32.23
N THR C 12 38.25 2.69 -33.19
CA THR C 12 39.22 3.79 -33.31
C THR C 12 38.49 5.10 -33.53
N PHE C 13 39.25 6.20 -33.51
CA PHE C 13 38.75 7.52 -33.89
C PHE C 13 39.78 8.24 -34.74
N CYS C 14 39.28 9.08 -35.65
CA CYS C 14 40.12 9.91 -36.48
C CYS C 14 40.61 11.09 -35.63
N ASP C 15 41.90 11.09 -35.32
CA ASP C 15 42.49 11.95 -34.30
C ASP C 15 42.96 13.29 -34.86
N ASN C 16 42.19 14.35 -34.58
CA ASN C 16 42.51 15.71 -35.02
C ASN C 16 43.77 16.31 -34.36
N ASN C 17 44.13 15.82 -33.17
CA ASN C 17 45.38 16.22 -32.50
C ASN C 17 46.63 15.51 -33.05
N ARG C 18 46.45 14.45 -33.84
CA ARG C 18 47.56 13.71 -34.43
C ARG C 18 47.39 13.59 -35.95
N ASN C 19 47.06 14.70 -36.60
CA ASN C 19 46.99 14.80 -38.07
C ASN C 19 46.12 13.71 -38.71
N GLN C 20 44.94 13.49 -38.12
CA GLN C 20 43.92 12.58 -38.64
C GLN C 20 44.34 11.10 -38.76
N ILE C 21 45.25 10.62 -37.92
CA ILE C 21 45.51 9.18 -37.82
C ILE C 21 44.35 8.48 -37.10
N CYS C 22 44.27 7.17 -37.28
CA CYS C 22 43.27 6.34 -36.60
C CYS C 22 43.85 5.78 -35.31
N SER C 23 43.74 6.56 -34.24
CA SER C 23 44.16 6.13 -32.91
C SER C 23 43.08 5.21 -32.32
N PRO C 24 43.48 4.20 -31.52
CA PRO C 24 42.46 3.38 -30.85
C PRO C 24 41.66 4.17 -29.81
N CYS C 25 40.43 3.75 -29.55
CA CYS C 25 39.59 4.40 -28.53
C CYS C 25 40.31 4.39 -27.18
N PRO C 26 40.32 5.53 -26.46
CA PRO C 26 40.87 5.52 -25.11
C PRO C 26 40.18 4.52 -24.18
N PRO C 27 40.78 4.26 -23.01
CA PRO C 27 40.09 3.43 -22.00
C PRO C 27 38.69 3.96 -21.67
N ASN C 28 37.75 3.04 -21.45
CA ASN C 28 36.36 3.35 -21.11
C ASN C 28 35.61 4.12 -22.20
N SER C 29 35.93 3.83 -23.47
CA SER C 29 35.19 4.41 -24.59
C SER C 29 35.08 3.45 -25.78
N PHE C 30 34.21 3.82 -26.71
CA PHE C 30 33.91 2.97 -27.85
C PHE C 30 33.48 3.78 -29.07
N SER C 31 33.57 3.16 -30.23
CA SER C 31 32.98 3.68 -31.46
C SER C 31 32.42 2.50 -32.23
N SER C 32 31.09 2.42 -32.33
CA SER C 32 30.43 1.27 -32.95
C SER C 32 30.45 1.33 -34.48
N ALA C 33 30.58 2.52 -35.04
CA ALA C 33 30.80 2.73 -36.47
C ALA C 33 32.19 3.34 -36.71
N GLY C 34 32.62 3.29 -37.97
CA GLY C 34 33.85 3.95 -38.40
C GLY C 34 33.60 5.43 -38.64
N GLY C 35 34.68 6.18 -38.88
CA GLY C 35 34.59 7.59 -39.28
C GLY C 35 34.41 8.64 -38.19
N GLN C 36 34.37 8.23 -36.91
CA GLN C 36 34.14 9.17 -35.82
C GLN C 36 35.41 9.95 -35.44
N ARG C 37 35.22 11.23 -35.14
CA ARG C 37 36.31 12.11 -34.70
C ARG C 37 36.64 11.93 -33.21
N THR C 38 35.72 11.32 -32.46
CA THR C 38 35.95 10.94 -31.06
C THR C 38 35.28 9.60 -30.78
N CYS C 39 35.71 8.94 -29.71
CA CYS C 39 35.00 7.78 -29.19
C CYS C 39 34.01 8.21 -28.10
N ASP C 40 32.94 7.45 -27.95
CA ASP C 40 31.88 7.75 -26.98
C ASP C 40 32.19 7.10 -25.65
N ILE C 41 31.88 7.79 -24.56
CA ILE C 41 32.15 7.28 -23.20
C ILE C 41 31.23 6.08 -22.94
N CYS C 42 31.81 5.02 -22.37
CA CYS C 42 31.07 3.80 -22.06
C CYS C 42 30.04 4.06 -20.95
N ARG C 43 28.84 3.50 -21.11
CA ARG C 43 27.82 3.53 -20.08
C ARG C 43 28.31 2.79 -18.83
N GLN C 44 28.06 3.37 -17.67
CA GLN C 44 28.33 2.72 -16.39
C GLN C 44 27.02 2.34 -15.71
N CYS C 45 26.98 1.11 -15.21
CA CYS C 45 25.81 0.55 -14.54
C CYS C 45 26.13 0.47 -13.05
N LYS C 46 25.64 1.44 -12.28
CA LYS C 46 25.96 1.57 -10.87
C LYS C 46 24.70 1.74 -10.03
N GLY C 47 24.86 1.51 -8.73
CA GLY C 47 23.76 1.64 -7.77
C GLY C 47 22.69 0.60 -8.01
N VAL C 48 21.50 1.07 -8.38
CA VAL C 48 20.38 0.19 -8.73
C VAL C 48 20.65 -0.59 -10.03
N PHE C 49 21.47 -0.04 -10.91
CA PHE C 49 21.86 -0.72 -12.15
C PHE C 49 23.01 -1.69 -11.88
N ARG C 50 23.02 -2.80 -12.61
CA ARG C 50 24.18 -3.69 -12.69
C ARG C 50 24.48 -3.95 -14.17
N THR C 51 25.74 -4.30 -14.46
CA THR C 51 26.20 -4.48 -15.84
C THR C 51 25.73 -5.82 -16.40
N ARG C 52 24.88 -5.76 -17.43
CA ARG C 52 24.44 -6.96 -18.15
C ARG C 52 25.49 -7.36 -19.20
N LYS C 53 25.90 -6.40 -20.02
CA LYS C 53 26.93 -6.58 -21.03
C LYS C 53 28.02 -5.52 -20.81
N GLU C 54 29.28 -5.96 -20.77
CA GLU C 54 30.41 -5.04 -20.62
C GLU C 54 30.66 -4.24 -21.90
N CYS C 55 31.30 -3.08 -21.72
CA CYS C 55 31.71 -2.23 -22.83
C CYS C 55 32.94 -2.84 -23.50
N SER C 56 32.95 -2.84 -24.84
CA SER C 56 34.16 -3.14 -25.61
C SER C 56 34.54 -1.86 -26.37
N SER C 57 35.60 -1.94 -27.17
CA SER C 57 36.02 -0.82 -28.03
C SER C 57 35.01 -0.52 -29.15
N THR C 58 34.21 -1.49 -29.54
CA THR C 58 33.22 -1.34 -30.63
C THR C 58 31.76 -1.36 -30.19
N SER C 59 31.49 -1.55 -28.89
CA SER C 59 30.11 -1.66 -28.40
C SER C 59 29.95 -1.14 -26.97
N ASN C 60 28.85 -0.42 -26.75
CA ASN C 60 28.55 0.15 -25.44
C ASN C 60 28.18 -0.93 -24.44
N ALA C 61 28.43 -0.64 -23.16
CA ALA C 61 27.90 -1.46 -22.07
C ALA C 61 26.39 -1.30 -22.00
N GLU C 62 25.73 -2.32 -21.43
CA GLU C 62 24.29 -2.33 -21.27
C GLU C 62 23.93 -2.74 -19.84
N CYS C 63 22.91 -2.09 -19.28
CA CYS C 63 22.50 -2.29 -17.88
C CYS C 63 21.18 -3.03 -17.76
N ASP C 64 21.06 -3.82 -16.71
CA ASP C 64 19.74 -4.25 -16.20
C ASP C 64 19.68 -3.85 -14.72
N CYS C 65 18.55 -4.15 -14.07
CA CYS C 65 18.32 -3.73 -12.69
C CYS C 65 18.68 -4.81 -11.68
N THR C 66 19.05 -4.38 -10.48
CA THR C 66 19.41 -5.28 -9.38
C THR C 66 18.17 -6.09 -8.95
N PRO C 67 18.36 -7.32 -8.41
CA PRO C 67 17.20 -8.13 -7.97
C PRO C 67 16.27 -7.38 -7.01
N GLY C 68 14.97 -7.55 -7.22
CA GLY C 68 13.94 -6.76 -6.57
C GLY C 68 13.44 -5.60 -7.42
N PHE C 69 14.16 -5.30 -8.51
CA PHE C 69 13.79 -4.23 -9.43
C PHE C 69 13.77 -4.75 -10.87
N HIS C 70 13.13 -3.99 -11.76
CA HIS C 70 13.03 -4.33 -13.18
C HIS C 70 13.14 -3.06 -14.05
N CYS C 71 13.56 -3.25 -15.30
CA CYS C 71 13.78 -2.14 -16.23
C CYS C 71 12.50 -1.46 -16.69
N LEU C 72 12.58 -0.15 -16.92
CA LEU C 72 11.51 0.63 -17.55
C LEU C 72 12.07 1.52 -18.66
N GLY C 73 11.45 1.42 -19.84
CA GLY C 73 11.72 2.34 -20.96
C GLY C 73 13.06 2.13 -21.65
N ALA C 74 13.14 2.59 -22.90
CA ALA C 74 14.42 2.72 -23.62
C ALA C 74 15.26 1.43 -23.56
N GLY C 75 16.59 1.55 -23.39
CA GLY C 75 17.44 0.40 -23.06
C GLY C 75 17.69 0.38 -21.57
N CYS C 76 16.61 0.21 -20.80
CA CYS C 76 16.65 0.18 -19.32
C CYS C 76 17.17 1.51 -18.75
N SER C 77 16.48 2.60 -19.11
CA SER C 77 16.83 3.93 -18.63
C SER C 77 16.44 4.18 -17.17
N MET C 78 15.57 3.34 -16.63
CA MET C 78 15.12 3.46 -15.26
C MET C 78 14.88 2.10 -14.63
N CYS C 79 14.97 2.04 -13.30
CA CYS C 79 14.58 0.85 -12.54
C CYS C 79 13.36 1.18 -11.70
N GLU C 80 12.56 0.15 -11.43
CA GLU C 80 11.34 0.25 -10.64
C GLU C 80 11.26 -0.99 -9.77
N GLN C 81 10.91 -0.79 -8.50
CA GLN C 81 10.70 -1.89 -7.56
C GLN C 81 9.64 -2.81 -8.13
N ASP C 82 9.87 -4.12 -7.98
CA ASP C 82 8.92 -5.12 -8.48
C ASP C 82 7.56 -4.89 -7.84
N CYS C 83 6.51 -5.08 -8.65
CA CYS C 83 5.15 -4.75 -8.28
C CYS C 83 4.65 -5.66 -7.16
N LYS C 84 3.78 -5.11 -6.32
CA LYS C 84 3.30 -5.75 -5.10
C LYS C 84 1.86 -6.27 -5.30
N GLN C 85 1.27 -6.78 -4.22
CA GLN C 85 -0.18 -7.04 -4.15
C GLN C 85 -1.00 -5.90 -4.72
N GLY C 86 -2.00 -6.22 -5.51
CA GLY C 86 -2.91 -5.23 -6.07
C GLY C 86 -2.43 -4.53 -7.32
N GLN C 87 -1.29 -4.95 -7.86
CA GLN C 87 -0.70 -4.32 -9.04
C GLN C 87 -0.04 -5.35 -9.95
N GLU C 88 0.05 -5.00 -11.23
CA GLU C 88 0.78 -5.80 -12.22
C GLU C 88 1.71 -4.88 -13.02
N LEU C 89 2.77 -5.48 -13.55
CA LEU C 89 3.74 -4.74 -14.37
C LEU C 89 3.15 -4.49 -15.77
N THR C 90 3.05 -3.22 -16.14
CA THR C 90 2.78 -2.82 -17.53
C THR C 90 4.07 -2.23 -18.12
N LYS C 91 4.02 -1.79 -19.37
CA LYS C 91 5.16 -1.12 -20.00
C LYS C 91 5.39 0.29 -19.45
N LYS C 92 4.33 0.91 -18.92
CA LYS C 92 4.42 2.20 -18.23
C LYS C 92 4.66 2.10 -16.70
N GLY C 93 4.94 0.90 -16.19
CA GLY C 93 5.19 0.68 -14.75
C GLY C 93 4.15 -0.17 -14.07
N CYS C 94 4.21 -0.22 -12.74
CA CYS C 94 3.26 -0.99 -11.93
C CYS C 94 1.95 -0.21 -11.89
N LYS C 95 0.86 -0.87 -12.28
CA LYS C 95 -0.47 -0.25 -12.25
C LYS C 95 -1.43 -1.14 -11.49
N ASP C 96 -2.39 -0.49 -10.83
CA ASP C 96 -3.44 -1.17 -10.09
C ASP C 96 -4.23 -2.08 -11.01
N CYS C 97 -4.70 -3.21 -10.48
CA CYS C 97 -5.63 -4.06 -11.18
C CYS C 97 -6.93 -3.30 -11.42
N SER C 98 -7.48 -3.42 -12.63
CA SER C 98 -8.75 -2.79 -12.97
C SER C 98 -9.91 -3.48 -12.23
N PHE C 99 -11.06 -2.80 -12.15
CA PHE C 99 -12.18 -3.32 -11.38
C PHE C 99 -12.56 -4.72 -11.85
N GLY C 100 -12.88 -5.59 -10.89
CA GLY C 100 -13.25 -6.98 -11.19
C GLY C 100 -12.09 -7.97 -11.17
N THR C 101 -10.85 -7.47 -11.13
CA THR C 101 -9.68 -8.33 -11.10
C THR C 101 -8.85 -8.05 -9.84
N PHE C 102 -7.97 -9.00 -9.52
CA PHE C 102 -7.15 -8.93 -8.32
C PHE C 102 -5.78 -9.55 -8.56
N ASN C 103 -4.86 -9.26 -7.66
CA ASN C 103 -3.55 -9.91 -7.62
C ASN C 103 -3.06 -9.94 -6.17
N ASP C 104 -2.89 -11.15 -5.64
CA ASP C 104 -2.56 -11.34 -4.22
C ASP C 104 -1.08 -11.65 -3.95
N GLN C 105 -0.26 -11.70 -5.00
CA GLN C 105 1.15 -12.05 -4.87
C GLN C 105 2.03 -10.95 -5.43
N LYS C 106 3.26 -10.90 -4.94
CA LYS C 106 4.30 -10.02 -5.47
C LYS C 106 4.76 -10.57 -6.82
N ARG C 107 5.03 -9.67 -7.78
CA ARG C 107 5.35 -10.05 -9.17
C ARG C 107 4.23 -10.84 -9.86
N GLY C 108 2.99 -10.67 -9.44
CA GLY C 108 1.87 -11.43 -9.98
C GLY C 108 1.10 -10.65 -11.02
N ILE C 109 0.19 -11.35 -11.69
CA ILE C 109 -0.62 -10.78 -12.77
C ILE C 109 -2.06 -10.65 -12.26
N CYS C 110 -2.74 -9.59 -12.69
CA CYS C 110 -4.13 -9.38 -12.31
C CYS C 110 -5.03 -10.37 -13.06
N ARG C 111 -5.72 -11.22 -12.30
CA ARG C 111 -6.72 -12.17 -12.82
C ARG C 111 -8.10 -11.81 -12.30
N PRO C 112 -9.17 -12.20 -13.04
CA PRO C 112 -10.54 -11.84 -12.61
C PRO C 112 -10.96 -12.51 -11.31
N TRP C 113 -11.89 -11.88 -10.57
CA TRP C 113 -12.44 -12.46 -9.36
C TRP C 113 -13.17 -13.76 -9.68
N THR C 114 -13.06 -14.72 -8.77
CA THR C 114 -13.83 -15.96 -8.86
C THR C 114 -15.32 -15.63 -8.92
N ASP C 115 -16.01 -16.26 -9.87
CA ASP C 115 -17.46 -16.20 -9.94
C ASP C 115 -17.97 -17.32 -9.03
N CYS C 116 -18.47 -16.94 -7.86
CA CYS C 116 -19.01 -17.90 -6.88
C CYS C 116 -20.22 -18.65 -7.42
N SER C 117 -21.02 -17.99 -8.26
CA SER C 117 -22.23 -18.60 -8.84
C SER C 117 -21.95 -19.80 -9.78
N LEU C 118 -20.78 -19.83 -10.42
CA LEU C 118 -20.35 -20.99 -11.22
C LEU C 118 -20.31 -22.28 -10.41
N ASP C 119 -19.81 -22.18 -9.18
CA ASP C 119 -19.73 -23.32 -8.26
C ASP C 119 -21.01 -23.49 -7.40
N GLY C 120 -22.08 -22.77 -7.73
CA GLY C 120 -23.32 -22.79 -6.95
C GLY C 120 -23.21 -22.19 -5.56
N LYS C 121 -22.40 -21.14 -5.43
CA LYS C 121 -22.14 -20.50 -4.12
C LYS C 121 -22.41 -18.99 -4.16
N SER C 122 -22.48 -18.42 -2.96
CA SER C 122 -22.70 -16.98 -2.78
C SER C 122 -21.39 -16.28 -2.42
N VAL C 123 -21.40 -14.96 -2.56
CA VAL C 123 -20.29 -14.10 -2.18
C VAL C 123 -20.41 -13.76 -0.68
N LEU C 124 -19.48 -14.28 0.13
CA LEU C 124 -19.43 -13.95 1.56
C LEU C 124 -18.66 -12.66 1.83
N VAL C 125 -17.53 -12.48 1.14
CA VAL C 125 -16.73 -11.26 1.20
C VAL C 125 -16.33 -10.87 -0.22
N GLN C 126 -16.70 -9.66 -0.65
CA GLN C 126 -16.27 -9.11 -1.93
C GLN C 126 -14.76 -8.92 -1.96
N GLY C 127 -14.19 -9.10 -3.16
CA GLY C 127 -12.75 -8.93 -3.34
C GLY C 127 -12.37 -7.48 -3.55
N THR C 128 -11.07 -7.26 -3.69
CA THR C 128 -10.48 -5.98 -4.01
C THR C 128 -9.46 -6.23 -5.10
N LYS C 129 -8.67 -5.21 -5.43
CA LYS C 129 -7.50 -5.41 -6.27
C LYS C 129 -6.43 -6.33 -5.62
N GLU C 130 -6.43 -6.45 -4.28
CA GLU C 130 -5.43 -7.26 -3.56
C GLU C 130 -5.87 -8.68 -3.18
N ARG C 131 -7.17 -8.97 -3.22
CA ARG C 131 -7.67 -10.28 -2.81
C ARG C 131 -8.85 -10.74 -3.65
N ASP C 132 -9.00 -12.06 -3.74
CA ASP C 132 -10.14 -12.68 -4.40
C ASP C 132 -11.37 -12.60 -3.50
N VAL C 133 -12.55 -12.76 -4.11
CA VAL C 133 -13.81 -12.93 -3.39
C VAL C 133 -13.70 -14.17 -2.48
N VAL C 134 -14.37 -14.14 -1.33
CA VAL C 134 -14.55 -15.33 -0.52
C VAL C 134 -15.95 -15.86 -0.82
N CYS C 135 -16.03 -17.05 -1.41
CA CYS C 135 -17.31 -17.71 -1.68
C CYS C 135 -17.71 -18.57 -0.49
N GLY C 136 -19.02 -18.80 -0.34
CA GLY C 136 -19.51 -19.69 0.69
C GLY C 136 -20.89 -20.26 0.40
N PRO C 137 -21.30 -21.29 1.17
CA PRO C 137 -22.71 -21.71 1.16
C PRO C 137 -23.63 -20.68 1.81
N ASP D 3 -31.22 -21.44 46.14
CA ASP D 3 -32.41 -21.32 45.23
C ASP D 3 -32.75 -22.72 44.69
N PRO D 4 -34.04 -22.99 44.37
CA PRO D 4 -34.39 -24.22 43.64
C PRO D 4 -33.73 -24.30 42.25
N CYS D 5 -33.62 -23.14 41.59
CA CYS D 5 -32.94 -23.02 40.29
C CYS D 5 -31.50 -23.50 40.28
N SER D 6 -30.80 -23.37 41.42
CA SER D 6 -29.43 -23.89 41.58
C SER D 6 -29.25 -25.35 41.19
N ASN D 7 -30.31 -26.16 41.36
CA ASN D 7 -30.30 -27.57 40.94
C ASN D 7 -30.34 -27.81 39.43
N CYS D 8 -30.74 -26.80 38.65
CA CYS D 8 -30.76 -26.92 37.18
C CYS D 8 -29.35 -26.87 36.61
N PRO D 9 -28.91 -27.96 35.95
CA PRO D 9 -27.53 -28.04 35.47
C PRO D 9 -27.30 -27.28 34.16
N ALA D 10 -26.04 -27.20 33.75
CA ALA D 10 -25.66 -26.66 32.43
C ALA D 10 -26.39 -27.44 31.34
N GLY D 11 -26.86 -26.74 30.32
CA GLY D 11 -27.69 -27.33 29.27
C GLY D 11 -29.19 -27.17 29.50
N THR D 12 -29.57 -26.62 30.66
CA THR D 12 -30.96 -26.36 31.02
C THR D 12 -31.10 -24.95 31.56
N PHE D 13 -32.35 -24.55 31.76
CA PHE D 13 -32.67 -23.30 32.47
C PHE D 13 -33.81 -23.53 33.44
N CYS D 14 -33.78 -22.78 34.54
CA CYS D 14 -34.83 -22.80 35.53
C CYS D 14 -36.02 -22.00 34.98
N ASP D 15 -37.10 -22.72 34.66
CA ASP D 15 -38.20 -22.19 33.85
C ASP D 15 -39.29 -21.55 34.73
N ASN D 16 -39.34 -20.22 34.74
CA ASN D 16 -40.34 -19.45 35.50
C ASN D 16 -41.78 -19.61 34.98
N ASN D 17 -41.94 -19.95 33.69
CA ASN D 17 -43.26 -20.26 33.12
C ASN D 17 -43.78 -21.67 33.44
N ARG D 18 -42.90 -22.53 33.94
CA ARG D 18 -43.27 -23.90 34.30
C ARG D 18 -42.87 -24.24 35.75
N ASN D 19 -43.19 -23.33 36.67
CA ASN D 19 -42.99 -23.54 38.11
C ASN D 19 -41.56 -23.99 38.47
N GLN D 20 -40.58 -23.32 37.88
CA GLN D 20 -39.16 -23.52 38.17
C GLN D 20 -38.60 -24.93 37.91
N ILE D 21 -39.17 -25.67 36.95
CA ILE D 21 -38.54 -26.91 36.48
C ILE D 21 -37.31 -26.59 35.64
N CYS D 22 -36.45 -27.59 35.48
CA CYS D 22 -35.25 -27.49 34.68
C CYS D 22 -35.55 -27.99 33.27
N SER D 23 -36.06 -27.09 32.42
CA SER D 23 -36.31 -27.39 31.02
C SER D 23 -34.99 -27.33 30.25
N PRO D 24 -34.82 -28.19 29.22
CA PRO D 24 -33.60 -28.08 28.40
C PRO D 24 -33.55 -26.77 27.61
N CYS D 25 -32.34 -26.31 27.29
CA CYS D 25 -32.16 -25.10 26.49
C CYS D 25 -32.88 -25.26 25.15
N PRO D 26 -33.62 -24.22 24.72
CA PRO D 26 -34.22 -24.26 23.39
C PRO D 26 -33.19 -24.43 22.28
N PRO D 27 -33.64 -24.75 21.06
CA PRO D 27 -32.75 -24.77 19.90
C PRO D 27 -31.94 -23.47 19.76
N ASN D 28 -30.68 -23.61 19.36
CA ASN D 28 -29.76 -22.47 19.15
C ASN D 28 -29.46 -21.68 20.42
N SER D 29 -29.43 -22.35 21.56
CA SER D 29 -29.04 -21.69 22.82
C SER D 29 -28.26 -22.63 23.74
N PHE D 30 -27.68 -22.03 24.78
CA PHE D 30 -26.82 -22.75 25.70
C PHE D 30 -26.82 -22.12 27.08
N SER D 31 -26.40 -22.90 28.07
CA SER D 31 -26.08 -22.40 29.40
C SER D 31 -24.85 -23.15 29.88
N SER D 32 -23.73 -22.45 30.01
CA SER D 32 -22.45 -23.10 30.35
C SER D 32 -22.32 -23.39 31.84
N ALA D 33 -23.05 -22.65 32.67
CA ALA D 33 -23.19 -22.93 34.10
C ALA D 33 -24.63 -23.31 34.42
N GLY D 34 -24.84 -23.85 35.61
CA GLY D 34 -26.17 -24.14 36.14
C GLY D 34 -26.79 -22.87 36.72
N GLY D 35 -28.06 -22.98 37.10
CA GLY D 35 -28.75 -21.90 37.82
C GLY D 35 -29.35 -20.75 37.03
N GLN D 36 -29.24 -20.78 35.70
CA GLN D 36 -29.72 -19.67 34.86
C GLN D 36 -31.23 -19.73 34.64
N ARG D 37 -31.87 -18.56 34.67
CA ARG D 37 -33.30 -18.42 34.42
C ARG D 37 -33.63 -18.46 32.90
N THR D 38 -32.62 -18.24 32.06
CA THR D 38 -32.73 -18.39 30.61
C THR D 38 -31.45 -18.98 30.04
N CYS D 39 -31.53 -19.53 28.83
CA CYS D 39 -30.34 -19.91 28.08
C CYS D 39 -29.93 -18.76 27.16
N ASP D 40 -28.64 -18.70 26.87
CA ASP D 40 -28.07 -17.64 26.03
C ASP D 40 -28.07 -18.05 24.57
N ILE D 41 -28.36 -17.11 23.68
CA ILE D 41 -28.39 -17.39 22.24
C ILE D 41 -26.99 -17.72 21.74
N CYS D 42 -26.89 -18.78 20.93
CA CYS D 42 -25.61 -19.23 20.37
C CYS D 42 -25.04 -18.20 19.40
N ARG D 43 -23.73 -17.98 19.49
CA ARG D 43 -23.02 -17.13 18.53
C ARG D 43 -23.10 -17.75 17.13
N GLN D 44 -23.32 -16.91 16.13
CA GLN D 44 -23.29 -17.33 14.73
C GLN D 44 -22.03 -16.75 14.06
N CYS D 45 -21.32 -17.60 13.33
CA CYS D 45 -20.11 -17.22 12.61
C CYS D 45 -20.44 -17.21 11.12
N LYS D 46 -20.70 -16.02 10.58
CA LYS D 46 -21.17 -15.88 9.19
C LYS D 46 -20.34 -14.85 8.44
N GLY D 47 -20.43 -14.92 7.12
CA GLY D 47 -19.71 -14.00 6.23
C GLY D 47 -18.21 -14.18 6.33
N VAL D 48 -17.52 -13.16 6.80
CA VAL D 48 -16.06 -13.23 7.03
C VAL D 48 -15.70 -14.19 8.17
N PHE D 49 -16.62 -14.40 9.11
CA PHE D 49 -16.41 -15.38 10.18
C PHE D 49 -16.74 -16.79 9.70
N ARG D 50 -16.01 -17.77 10.23
CA ARG D 50 -16.36 -19.17 10.07
C ARG D 50 -16.34 -19.82 11.44
N THR D 51 -17.10 -20.90 11.57
CA THR D 51 -17.27 -21.61 12.84
C THR D 51 -16.04 -22.46 13.15
N ARG D 52 -15.32 -22.12 14.21
CA ARG D 52 -14.20 -22.92 14.71
C ARG D 52 -14.73 -24.06 15.58
N LYS D 53 -15.58 -23.71 16.55
CA LYS D 53 -16.25 -24.68 17.43
C LYS D 53 -17.76 -24.46 17.34
N GLU D 54 -18.51 -25.53 17.13
CA GLU D 54 -19.98 -25.46 17.08
C GLU D 54 -20.57 -25.22 18.46
N CYS D 55 -21.78 -24.66 18.49
CA CYS D 55 -22.52 -24.46 19.73
C CYS D 55 -23.10 -25.79 20.17
N SER D 56 -22.99 -26.09 21.46
CA SER D 56 -23.73 -27.19 22.10
C SER D 56 -24.69 -26.58 23.11
N SER D 57 -25.41 -27.44 23.83
CA SER D 57 -26.30 -26.99 24.91
C SER D 57 -25.56 -26.38 26.10
N THR D 58 -24.30 -26.78 26.29
CA THR D 58 -23.48 -26.34 27.43
C THR D 58 -22.31 -25.41 27.05
N SER D 59 -22.13 -25.11 25.77
CA SER D 59 -21.00 -24.28 25.33
C SER D 59 -21.34 -23.46 24.09
N ASN D 60 -20.90 -22.20 24.09
CA ASN D 60 -21.12 -21.31 22.97
C ASN D 60 -20.27 -21.72 21.77
N ALA D 61 -20.75 -21.36 20.58
CA ALA D 61 -19.95 -21.46 19.37
C ALA D 61 -18.81 -20.44 19.43
N GLU D 62 -17.74 -20.72 18.70
CA GLU D 62 -16.57 -19.85 18.65
C GLU D 62 -16.16 -19.63 17.20
N CYS D 63 -15.83 -18.39 16.88
CA CYS D 63 -15.52 -17.99 15.50
C CYS D 63 -14.04 -17.69 15.33
N ASP D 64 -13.53 -18.04 14.16
CA ASP D 64 -12.29 -17.47 13.65
C ASP D 64 -12.59 -16.88 12.26
N CYS D 65 -11.57 -16.30 11.62
CA CYS D 65 -11.75 -15.61 10.35
C CYS D 65 -11.45 -16.52 9.16
N THR D 66 -12.09 -16.22 8.03
CA THR D 66 -11.90 -16.98 6.79
C THR D 66 -10.46 -16.79 6.28
N PRO D 67 -9.89 -17.78 5.54
CA PRO D 67 -8.52 -17.62 5.04
C PRO D 67 -8.28 -16.33 4.26
N GLY D 68 -7.13 -15.71 4.52
CA GLY D 68 -6.84 -14.37 4.04
C GLY D 68 -7.11 -13.28 5.08
N PHE D 69 -7.79 -13.64 6.16
CA PHE D 69 -8.10 -12.74 7.26
C PHE D 69 -7.67 -13.33 8.59
N HIS D 70 -7.58 -12.46 9.61
CA HIS D 70 -7.19 -12.87 10.97
C HIS D 70 -8.00 -12.11 12.02
N CYS D 71 -8.13 -12.70 13.21
CA CYS D 71 -8.91 -12.13 14.30
C CYS D 71 -8.28 -10.88 14.90
N LEU D 72 -9.13 -9.96 15.35
CA LEU D 72 -8.72 -8.78 16.12
C LEU D 72 -9.61 -8.60 17.34
N GLY D 73 -8.98 -8.49 18.51
CA GLY D 73 -9.66 -8.13 19.76
C GLY D 73 -10.54 -9.20 20.36
N ALA D 74 -10.79 -9.09 21.66
CA ALA D 74 -11.82 -9.87 22.36
C ALA D 74 -11.71 -11.38 22.04
N GLY D 75 -12.83 -12.08 21.86
CA GLY D 75 -12.84 -13.43 21.32
C GLY D 75 -13.12 -13.40 19.83
N CYS D 76 -12.23 -12.75 19.07
CA CYS D 76 -12.35 -12.59 17.62
C CYS D 76 -13.59 -11.78 17.24
N SER D 77 -13.68 -10.57 17.80
CA SER D 77 -14.83 -9.68 17.55
C SER D 77 -14.80 -9.03 16.16
N MET D 78 -13.63 -9.05 15.52
CA MET D 78 -13.45 -8.47 14.20
C MET D 78 -12.48 -9.30 13.36
N CYS D 79 -12.62 -9.21 12.04
CA CYS D 79 -11.64 -9.76 11.11
C CYS D 79 -10.95 -8.64 10.37
N GLU D 80 -9.71 -8.91 9.94
CA GLU D 80 -8.89 -7.96 9.21
C GLU D 80 -8.09 -8.72 8.18
N GLN D 81 -8.01 -8.16 6.96
CA GLN D 81 -7.22 -8.76 5.89
C GLN D 81 -5.78 -8.91 6.36
N ASP D 82 -5.15 -10.03 6.01
CA ASP D 82 -3.78 -10.30 6.42
C ASP D 82 -2.87 -9.18 5.95
N CYS D 83 -1.92 -8.81 6.81
CA CYS D 83 -1.03 -7.68 6.54
C CYS D 83 -0.09 -8.00 5.38
N LYS D 84 0.25 -6.96 4.62
CA LYS D 84 1.02 -7.10 3.39
C LYS D 84 2.47 -6.64 3.62
N GLN D 85 3.25 -6.62 2.55
CA GLN D 85 4.54 -5.90 2.49
C GLN D 85 4.46 -4.53 3.16
N GLY D 86 5.47 -4.21 3.96
CA GLY D 86 5.55 -2.90 4.59
C GLY D 86 4.75 -2.73 5.87
N GLN D 87 4.12 -3.81 6.35
CA GLN D 87 3.30 -3.77 7.55
C GLN D 87 3.46 -5.04 8.38
N GLU D 88 3.21 -4.91 9.69
CA GLU D 88 3.18 -6.06 10.60
C GLU D 88 1.89 -6.04 11.39
N LEU D 89 1.45 -7.23 11.80
CA LEU D 89 0.28 -7.37 12.65
C LEU D 89 0.61 -6.96 14.09
N THR D 90 -0.09 -5.94 14.59
CA THR D 90 -0.09 -5.61 16.02
C THR D 90 -1.44 -6.05 16.61
N LYS D 91 -1.62 -5.81 17.91
CA LYS D 91 -2.91 -6.10 18.54
C LYS D 91 -4.01 -5.11 18.12
N LYS D 92 -3.61 -3.91 17.71
CA LYS D 92 -4.53 -2.90 17.15
C LYS D 92 -4.69 -2.97 15.61
N GLY D 93 -4.14 -4.01 14.97
CA GLY D 93 -4.25 -4.19 13.52
C GLY D 93 -2.91 -4.09 12.78
N CYS D 94 -2.99 -4.02 11.45
CA CYS D 94 -1.80 -3.92 10.60
C CYS D 94 -1.27 -2.49 10.69
N LYS D 95 0.01 -2.35 11.02
CA LYS D 95 0.65 -1.03 11.09
C LYS D 95 1.91 -1.02 10.25
N ASP D 96 2.21 0.13 9.66
CA ASP D 96 3.44 0.33 8.89
C ASP D 96 4.67 0.08 9.76
N CYS D 97 5.72 -0.45 9.15
CA CYS D 97 7.03 -0.54 9.81
C CYS D 97 7.54 0.87 10.07
N SER D 98 8.09 1.10 11.26
CA SER D 98 8.72 2.39 11.63
C SER D 98 9.99 2.64 10.82
N PHE D 99 10.44 3.89 10.77
CA PHE D 99 11.68 4.25 10.06
C PHE D 99 12.84 3.34 10.48
N GLY D 100 13.63 2.91 9.50
CA GLY D 100 14.77 2.03 9.75
C GLY D 100 14.49 0.55 9.68
N THR D 101 13.21 0.16 9.65
CA THR D 101 12.82 -1.25 9.58
C THR D 101 11.99 -1.51 8.32
N PHE D 102 11.88 -2.80 7.97
CA PHE D 102 11.18 -3.21 6.77
C PHE D 102 10.51 -4.57 6.95
N ASN D 103 9.59 -4.88 6.03
CA ASN D 103 8.99 -6.21 5.93
C ASN D 103 8.61 -6.47 4.47
N ASP D 104 9.24 -7.48 3.87
CA ASP D 104 9.08 -7.77 2.44
C ASP D 104 8.14 -8.92 2.10
N GLN D 105 7.55 -9.54 3.14
CA GLN D 105 6.66 -10.69 2.95
C GLN D 105 5.28 -10.41 3.54
N LYS D 106 4.28 -11.11 3.00
CA LYS D 106 2.93 -11.08 3.54
C LYS D 106 2.92 -11.87 4.85
N ARG D 107 2.16 -11.37 5.85
CA ARG D 107 2.16 -11.91 7.21
C ARG D 107 3.54 -11.93 7.90
N GLY D 108 4.41 -11.00 7.52
CA GLY D 108 5.78 -10.94 8.05
C GLY D 108 5.92 -9.91 9.15
N ILE D 109 7.07 -9.92 9.82
CA ILE D 109 7.36 -9.02 10.93
C ILE D 109 8.38 -7.97 10.48
N CYS D 110 8.25 -6.75 10.98
CA CYS D 110 9.18 -5.69 10.67
C CYS D 110 10.52 -5.93 11.38
N ARG D 111 11.59 -6.11 10.60
CA ARG D 111 12.97 -6.20 11.11
C ARG D 111 13.79 -4.99 10.65
N PRO D 112 14.87 -4.63 11.39
CA PRO D 112 15.72 -3.49 10.98
C PRO D 112 16.45 -3.72 9.66
N TRP D 113 16.78 -2.63 8.97
CA TRP D 113 17.56 -2.72 7.73
C TRP D 113 18.94 -3.31 8.01
N THR D 114 19.43 -4.12 7.08
CA THR D 114 20.80 -4.61 7.11
C THR D 114 21.77 -3.44 7.16
N ASP D 115 22.75 -3.50 8.04
CA ASP D 115 23.89 -2.57 8.02
C ASP D 115 24.92 -3.19 7.09
N CYS D 116 25.03 -2.66 5.87
CA CYS D 116 26.00 -3.14 4.88
C CYS D 116 27.45 -2.99 5.35
N SER D 117 27.74 -1.95 6.15
CA SER D 117 29.09 -1.69 6.66
C SER D 117 29.62 -2.76 7.62
N LEU D 118 28.73 -3.45 8.33
CA LEU D 118 29.13 -4.59 9.18
C LEU D 118 29.82 -5.70 8.39
N ASP D 119 29.30 -5.98 7.20
CA ASP D 119 29.87 -7.00 6.31
C ASP D 119 30.95 -6.43 5.36
N GLY D 120 31.41 -5.19 5.60
CA GLY D 120 32.39 -4.53 4.76
C GLY D 120 31.89 -4.18 3.37
N LYS D 121 30.60 -3.80 3.27
CA LYS D 121 29.98 -3.48 1.99
C LYS D 121 29.32 -2.10 1.99
N SER D 122 29.00 -1.62 0.80
CA SER D 122 28.37 -0.31 0.61
C SER D 122 26.88 -0.43 0.39
N VAL D 123 26.15 0.66 0.63
CA VAL D 123 24.71 0.73 0.33
C VAL D 123 24.53 1.14 -1.13
N LEU D 124 24.01 0.22 -1.96
CA LEU D 124 23.71 0.53 -3.36
C LEU D 124 22.31 1.14 -3.52
N VAL D 125 21.34 0.59 -2.80
CA VAL D 125 19.97 1.12 -2.76
C VAL D 125 19.48 1.11 -1.31
N GLN D 126 19.11 2.27 -0.77
CA GLN D 126 18.48 2.32 0.55
C GLN D 126 17.10 1.64 0.52
N GLY D 127 16.73 1.05 1.65
CA GLY D 127 15.47 0.39 1.83
C GLY D 127 14.32 1.31 2.10
N THR D 128 13.16 0.69 2.25
CA THR D 128 11.91 1.34 2.62
C THR D 128 11.26 0.45 3.68
N LYS D 129 10.02 0.75 4.03
CA LYS D 129 9.23 -0.17 4.86
C LYS D 129 8.97 -1.52 4.15
N GLU D 130 9.02 -1.55 2.82
CA GLU D 130 8.73 -2.77 2.04
C GLU D 130 9.94 -3.60 1.60
N ARG D 131 11.14 -3.03 1.67
CA ARG D 131 12.34 -3.75 1.22
C ARG D 131 13.57 -3.42 2.05
N ASP D 132 14.50 -4.37 2.10
CA ASP D 132 15.78 -4.18 2.75
C ASP D 132 16.68 -3.33 1.87
N VAL D 133 17.74 -2.78 2.47
CA VAL D 133 18.84 -2.18 1.71
C VAL D 133 19.45 -3.20 0.74
N VAL D 134 19.90 -2.73 -0.42
CA VAL D 134 20.70 -3.56 -1.32
C VAL D 134 22.15 -3.17 -1.07
N CYS D 135 22.93 -4.13 -0.55
CA CYS D 135 24.36 -3.93 -0.34
C CYS D 135 25.12 -4.36 -1.58
N GLY D 136 26.30 -3.77 -1.78
CA GLY D 136 27.18 -4.12 -2.89
C GLY D 136 28.64 -4.19 -2.46
N PRO D 137 29.41 -5.17 -2.98
CA PRO D 137 30.85 -5.17 -2.78
C PRO D 137 31.55 -4.05 -3.55
#